data_4YDZ
#
_entry.id   4YDZ
#
_cell.length_a   142.550
_cell.length_b   142.550
_cell.length_c   100.580
_cell.angle_alpha   90.00
_cell.angle_beta   90.00
_cell.angle_gamma   90.00
#
_symmetry.space_group_name_H-M   'P 4 2 2'
#
_entity_poly.entity_id   1
_entity_poly.type   'polypeptide(L)'
_entity_poly.pdbx_seq_one_letter_code
;MSSLCPYTGRPTGLFRDFEDMMPYWAQRHSMLNNFNNIVPQQLNEVENTAQKFCVKLDVAAFKPEELKVNLEGHVLTIEG
HHEVKTEHGFSKRSFTRQFTLPKDVDLAHIHTVINKEGQMTIDAPKTGSNTTVRALPIHTSAGHAVTQKPSSTTTTGKH
;
_entity_poly.pdbx_strand_id   A,B,C,D
#
# COMPACT_ATOMS: atom_id res chain seq x y z
N PHE A 18 -17.90 11.55 7.34
CA PHE A 18 -17.73 10.07 7.36
C PHE A 18 -18.25 9.47 6.06
N GLU A 19 -17.35 9.31 5.10
CA GLU A 19 -17.69 8.80 3.77
C GLU A 19 -17.77 7.28 3.74
N ASP A 20 -16.84 6.63 4.45
CA ASP A 20 -16.72 5.18 4.47
C ASP A 20 -17.76 4.52 5.38
N MET A 21 -19.03 4.76 5.08
CA MET A 21 -20.12 4.06 5.74
C MET A 21 -20.68 3.04 4.76
N MET A 22 -19.95 1.95 4.59
CA MET A 22 -20.26 0.94 3.59
C MET A 22 -20.09 -0.46 4.18
N PRO A 23 -20.56 -1.50 3.48
CA PRO A 23 -20.33 -2.87 3.93
C PRO A 23 -18.86 -3.19 4.03
N TYR A 24 -18.51 -4.14 4.91
CA TYR A 24 -17.11 -4.49 5.15
C TYR A 24 -16.40 -5.10 3.95
N TRP A 25 -17.19 -5.69 3.04
CA TRP A 25 -16.63 -6.35 1.87
C TRP A 25 -16.46 -5.41 0.67
N ALA A 26 -16.79 -4.13 0.87
CA ALA A 26 -16.72 -3.15 -0.21
C ALA A 26 -15.32 -3.02 -0.80
N GLN A 27 -14.32 -3.08 0.07
CA GLN A 27 -12.95 -2.84 -0.35
C GLN A 27 -12.22 -4.11 -0.81
N ARG A 28 -12.97 -5.17 -1.07
CA ARG A 28 -12.38 -6.43 -1.53
C ARG A 28 -12.03 -6.39 -3.03
N HIS A 29 -12.57 -5.40 -3.74
CA HIS A 29 -12.26 -5.22 -5.16
C HIS A 29 -10.82 -4.74 -5.35
N SER A 30 -10.26 -4.16 -4.30
CA SER A 30 -8.86 -3.73 -4.29
C SER A 30 -7.92 -4.93 -4.33
N MET A 31 -8.39 -6.05 -3.77
CA MET A 31 -7.54 -7.18 -3.44
C MET A 31 -7.52 -8.29 -4.48
N LEU A 32 -7.82 -7.96 -5.73
CA LEU A 32 -7.86 -8.94 -6.83
C LEU A 32 -6.62 -9.83 -6.88
N ASN A 33 -5.46 -9.21 -6.61
CA ASN A 33 -4.18 -9.90 -6.68
C ASN A 33 -3.65 -10.34 -5.31
N ASN A 34 -4.13 -9.69 -4.26
CA ASN A 34 -3.69 -10.01 -2.90
C ASN A 34 -4.44 -11.22 -2.35
N PHE A 35 -3.69 -12.22 -1.89
CA PHE A 35 -4.31 -13.45 -1.37
C PHE A 35 -3.95 -13.75 0.09
N ASN A 36 -3.74 -12.68 0.87
CA ASN A 36 -3.59 -12.79 2.31
C ASN A 36 -4.91 -12.52 3.03
N ASN A 37 -5.87 -11.96 2.29
CA ASN A 37 -7.19 -11.61 2.82
C ASN A 37 -8.05 -12.82 3.22
N ILE A 38 -7.69 -14.01 2.71
CA ILE A 38 -8.31 -15.26 3.13
C ILE A 38 -8.18 -15.34 4.65
N VAL A 39 -9.23 -15.80 5.32
CA VAL A 39 -9.23 -15.81 6.79
C VAL A 39 -7.85 -16.11 7.36
N PRO A 40 -7.23 -15.08 7.95
CA PRO A 40 -5.93 -15.33 8.57
C PRO A 40 -6.12 -15.85 9.98
N GLN A 41 -5.08 -16.51 10.50
CA GLN A 41 -5.06 -16.88 11.91
C GLN A 41 -5.14 -15.60 12.74
N GLN A 42 -6.00 -15.61 13.74
CA GLN A 42 -6.21 -14.43 14.59
C GLN A 42 -5.68 -14.60 16.01
N LEU A 43 -5.39 -13.47 16.66
CA LEU A 43 -5.10 -13.43 18.08
C LEU A 43 -6.27 -14.03 18.85
N ASN A 44 -5.97 -14.98 19.73
CA ASN A 44 -6.99 -15.65 20.56
C ASN A 44 -8.21 -16.06 19.73
N GLU A 45 -7.96 -16.88 18.72
CA GLU A 45 -8.99 -17.34 17.78
C GLU A 45 -10.04 -18.17 18.50
N VAL A 46 -9.59 -19.21 19.18
CA VAL A 46 -10.47 -20.08 19.96
C VAL A 46 -10.36 -19.73 21.43
N GLU A 47 -11.50 -19.38 22.04
CA GLU A 47 -11.56 -19.07 23.45
C GLU A 47 -12.41 -20.13 24.15
N ASN A 48 -11.76 -20.90 25.01
CA ASN A 48 -12.42 -22.00 25.70
C ASN A 48 -12.49 -21.80 27.21
N THR A 49 -13.55 -21.15 27.65
CA THR A 49 -13.79 -20.95 29.09
C THR A 49 -14.82 -21.94 29.61
N ALA A 50 -15.09 -21.88 30.91
CA ALA A 50 -16.09 -22.73 31.55
C ALA A 50 -17.51 -22.31 31.16
N GLN A 51 -17.64 -21.08 30.66
CA GLN A 51 -18.92 -20.49 30.29
C GLN A 51 -19.34 -20.85 28.87
N LYS A 52 -18.44 -20.62 27.92
CA LYS A 52 -18.76 -20.73 26.50
C LYS A 52 -17.59 -21.29 25.69
N PHE A 53 -17.82 -21.46 24.39
CA PHE A 53 -16.78 -21.89 23.46
C PHE A 53 -16.82 -20.97 22.24
N CYS A 54 -15.97 -19.94 22.26
CA CYS A 54 -15.94 -18.94 21.19
C CYS A 54 -15.00 -19.32 20.06
N VAL A 55 -15.40 -18.99 18.85
CA VAL A 55 -14.54 -19.10 17.67
C VAL A 55 -14.66 -17.78 16.92
N LYS A 56 -13.55 -17.07 16.77
CA LYS A 56 -13.54 -15.79 16.07
C LYS A 56 -12.69 -15.83 14.80
N LEU A 57 -13.31 -15.48 13.68
CA LEU A 57 -12.66 -15.53 12.37
C LEU A 57 -12.80 -14.19 11.66
N ASP A 58 -11.79 -13.83 10.86
CA ASP A 58 -11.89 -12.61 10.03
C ASP A 58 -12.33 -12.94 8.61
N VAL A 59 -13.65 -12.91 8.40
CA VAL A 59 -14.25 -13.27 7.13
C VAL A 59 -14.53 -12.04 6.27
N ALA A 60 -13.81 -10.95 6.56
CA ALA A 60 -14.04 -9.64 5.93
C ALA A 60 -13.94 -9.63 4.40
N ALA A 61 -13.39 -10.69 3.82
CA ALA A 61 -13.24 -10.81 2.37
C ALA A 61 -14.44 -11.49 1.72
N PHE A 62 -15.44 -11.83 2.54
CA PHE A 62 -16.59 -12.60 2.07
C PHE A 62 -17.92 -11.97 2.48
N LYS A 63 -18.86 -11.95 1.54
CA LYS A 63 -20.24 -11.61 1.82
C LYS A 63 -20.85 -12.70 2.70
N PRO A 64 -21.78 -12.34 3.59
CA PRO A 64 -22.47 -13.35 4.39
C PRO A 64 -23.16 -14.37 3.50
N GLU A 65 -23.61 -13.93 2.32
CA GLU A 65 -24.27 -14.79 1.35
C GLU A 65 -23.34 -15.87 0.80
N GLU A 66 -22.04 -15.62 0.90
CA GLU A 66 -21.01 -16.51 0.34
C GLU A 66 -20.53 -17.58 1.33
N LEU A 67 -20.80 -17.37 2.61
CA LEU A 67 -20.31 -18.27 3.66
C LEU A 67 -21.31 -19.39 3.99
N LYS A 68 -20.78 -20.51 4.47
CA LYS A 68 -21.59 -21.63 4.96
C LYS A 68 -21.12 -22.07 6.34
N VAL A 69 -22.04 -22.21 7.28
CA VAL A 69 -21.70 -22.71 8.61
C VAL A 69 -22.52 -23.96 8.88
N ASN A 70 -21.83 -25.08 9.14
CA ASN A 70 -22.49 -26.36 9.36
C ASN A 70 -22.06 -27.07 10.63
N LEU A 71 -22.91 -27.97 11.11
CA LEU A 71 -22.63 -28.72 12.33
C LEU A 71 -23.05 -30.18 12.19
N GLU A 72 -22.07 -31.05 12.01
CA GLU A 72 -22.30 -32.49 11.94
C GLU A 72 -21.80 -33.15 13.22
N GLY A 73 -22.72 -33.36 14.16
CA GLY A 73 -22.37 -33.85 15.48
C GLY A 73 -21.70 -32.74 16.27
N HIS A 74 -20.46 -32.99 16.70
CA HIS A 74 -19.68 -31.96 17.40
C HIS A 74 -18.70 -31.27 16.46
N VAL A 75 -18.71 -31.69 15.20
CA VAL A 75 -17.84 -31.12 14.18
C VAL A 75 -18.50 -29.87 13.55
N LEU A 76 -17.84 -28.73 13.72
CA LEU A 76 -18.29 -27.46 13.17
C LEU A 76 -17.42 -27.06 11.99
N THR A 77 -18.05 -26.74 10.87
CA THR A 77 -17.34 -26.40 9.65
C THR A 77 -17.73 -25.02 9.15
N ILE A 78 -16.73 -24.19 8.86
CA ILE A 78 -16.95 -22.89 8.25
C ILE A 78 -16.38 -22.90 6.84
N GLU A 79 -17.20 -22.52 5.87
CA GLU A 79 -16.80 -22.57 4.47
C GLU A 79 -17.15 -21.27 3.75
N GLY A 80 -16.44 -20.99 2.65
CA GLY A 80 -16.56 -19.71 1.96
C GLY A 80 -15.99 -19.77 0.56
N HIS A 81 -16.63 -19.06 -0.35
CA HIS A 81 -16.22 -19.05 -1.75
C HIS A 81 -16.55 -17.71 -2.37
N HIS A 82 -15.68 -17.24 -3.24
CA HIS A 82 -15.81 -15.92 -3.84
C HIS A 82 -15.20 -15.88 -5.24
N GLU A 83 -15.97 -15.35 -6.19
CA GLU A 83 -15.53 -15.25 -7.59
C GLU A 83 -15.79 -13.85 -8.13
N VAL A 84 -14.76 -13.27 -8.75
CA VAL A 84 -14.89 -11.99 -9.42
C VAL A 84 -14.60 -12.20 -10.89
N LYS A 85 -15.12 -11.32 -11.73
CA LYS A 85 -14.77 -11.35 -13.14
C LYS A 85 -14.02 -10.08 -13.51
N THR A 86 -12.77 -10.23 -13.94
CA THR A 86 -12.03 -9.14 -14.54
C THR A 86 -12.37 -9.13 -16.04
N GLU A 87 -11.86 -8.12 -16.76
CA GLU A 87 -12.08 -8.00 -18.21
C GLU A 87 -12.02 -9.34 -18.98
N HIS A 88 -10.93 -10.08 -18.82
CA HIS A 88 -10.72 -11.34 -19.53
C HIS A 88 -10.36 -12.53 -18.63
N GLY A 89 -10.16 -12.26 -17.33
CA GLY A 89 -9.85 -13.31 -16.37
C GLY A 89 -10.71 -13.29 -15.12
N PHE A 90 -10.36 -14.13 -14.15
CA PHE A 90 -11.09 -14.16 -12.88
C PHE A 90 -10.18 -14.23 -11.65
N SER A 91 -10.78 -14.13 -10.46
CA SER A 91 -10.05 -14.24 -9.20
C SER A 91 -10.84 -15.01 -8.13
N LYS A 92 -10.58 -16.31 -8.04
CA LYS A 92 -11.24 -17.20 -7.07
C LYS A 92 -10.53 -17.23 -5.72
N ARG A 93 -11.31 -17.39 -4.64
CA ARG A 93 -10.79 -17.44 -3.28
C ARG A 93 -11.65 -18.35 -2.44
N SER A 94 -11.03 -19.28 -1.72
CA SER A 94 -11.76 -20.24 -0.90
C SER A 94 -11.11 -20.48 0.45
N PHE A 95 -11.89 -21.02 1.38
CA PHE A 95 -11.38 -21.52 2.65
C PHE A 95 -12.27 -22.63 3.21
N THR A 96 -11.73 -23.43 4.12
CA THR A 96 -12.51 -24.45 4.82
C THR A 96 -11.94 -24.65 6.23
N ARG A 97 -12.51 -23.94 7.19
CA ARG A 97 -12.09 -24.06 8.58
C ARG A 97 -12.97 -25.07 9.30
N GLN A 98 -12.35 -25.87 10.16
CA GLN A 98 -13.09 -26.87 10.92
C GLN A 98 -12.67 -26.92 12.39
N PHE A 99 -13.65 -27.16 13.26
CA PHE A 99 -13.42 -27.23 14.69
C PHE A 99 -14.26 -28.36 15.27
N THR A 100 -13.65 -29.19 16.11
CA THR A 100 -14.39 -30.20 16.83
C THR A 100 -14.67 -29.67 18.22
N LEU A 101 -15.94 -29.40 18.49
CA LEU A 101 -16.38 -28.85 19.77
C LEU A 101 -16.31 -29.90 20.88
N PRO A 102 -15.89 -29.48 22.09
CA PRO A 102 -15.82 -30.35 23.26
C PRO A 102 -17.18 -30.92 23.65
N LYS A 103 -17.18 -32.09 24.29
CA LYS A 103 -18.41 -32.81 24.64
C LYS A 103 -19.35 -32.02 25.56
N ASP A 104 -18.78 -31.14 26.37
CA ASP A 104 -19.53 -30.37 27.38
C ASP A 104 -20.23 -29.13 26.82
N VAL A 105 -20.06 -28.87 25.53
CA VAL A 105 -20.70 -27.73 24.86
C VAL A 105 -22.14 -28.07 24.49
N ASP A 106 -23.06 -27.17 24.84
CA ASP A 106 -24.47 -27.31 24.51
C ASP A 106 -24.72 -26.99 23.04
N LEU A 107 -24.86 -28.03 22.22
CA LEU A 107 -25.00 -27.89 20.76
C LEU A 107 -26.25 -27.14 20.33
N ALA A 108 -27.26 -27.12 21.20
CA ALA A 108 -28.53 -26.51 20.85
C ALA A 108 -28.43 -24.99 20.77
N HIS A 109 -27.63 -24.38 21.65
CA HIS A 109 -27.58 -22.93 21.78
C HIS A 109 -26.51 -22.22 20.95
N ILE A 110 -25.83 -22.97 20.09
CA ILE A 110 -24.77 -22.43 19.23
C ILE A 110 -25.34 -21.33 18.35
N HIS A 111 -24.57 -20.25 18.18
CA HIS A 111 -25.07 -18.99 17.62
C HIS A 111 -23.96 -18.26 16.87
N THR A 112 -24.14 -18.06 15.56
CA THR A 112 -23.12 -17.41 14.73
C THR A 112 -23.52 -15.97 14.37
N VAL A 113 -22.55 -15.05 14.47
CA VAL A 113 -22.80 -13.63 14.13
C VAL A 113 -21.64 -13.02 13.34
N ILE A 114 -21.97 -12.09 12.46
CA ILE A 114 -20.96 -11.29 11.77
C ILE A 114 -21.25 -9.82 12.00
N ASN A 115 -20.35 -9.15 12.71
CA ASN A 115 -20.48 -7.72 12.98
C ASN A 115 -20.16 -6.88 11.74
N LYS A 116 -20.39 -5.58 11.84
CA LYS A 116 -20.21 -4.67 10.70
C LYS A 116 -18.76 -4.54 10.23
N GLU A 117 -17.82 -4.94 11.09
CA GLU A 117 -16.41 -4.98 10.72
C GLU A 117 -16.09 -6.18 9.84
N GLY A 118 -16.91 -7.22 9.94
CA GLY A 118 -16.72 -8.43 9.15
C GLY A 118 -16.00 -9.53 9.88
N GLN A 119 -16.15 -9.53 11.21
CA GLN A 119 -15.57 -10.57 12.03
C GLN A 119 -16.67 -11.54 12.49
N MET A 120 -16.60 -12.76 11.98
CA MET A 120 -17.48 -13.83 12.41
C MET A 120 -17.09 -14.32 13.79
N THR A 121 -18.09 -14.61 14.60
CA THR A 121 -17.86 -15.14 15.93
C THR A 121 -18.93 -16.17 16.30
N ILE A 122 -18.50 -17.42 16.38
CA ILE A 122 -19.38 -18.54 16.71
C ILE A 122 -19.37 -18.80 18.21
N ASP A 123 -20.49 -18.49 18.85
CA ASP A 123 -20.61 -18.56 20.29
C ASP A 123 -21.47 -19.76 20.65
N ALA A 124 -20.90 -20.70 21.41
CA ALA A 124 -21.65 -21.85 21.88
C ALA A 124 -21.33 -22.11 23.35
N PRO A 125 -22.31 -21.86 24.24
CA PRO A 125 -22.10 -22.00 25.68
C PRO A 125 -22.07 -23.45 26.13
N LYS A 126 -21.32 -23.74 27.18
CA LYS A 126 -21.24 -25.09 27.75
C LYS A 126 -22.51 -25.41 28.53
N THR A 127 -22.77 -26.71 28.74
CA THR A 127 -24.03 -27.21 29.29
C THR A 127 -24.44 -26.57 30.62
N GLY A 128 -23.47 -26.33 31.49
CA GLY A 128 -23.72 -25.78 32.81
C GLY A 128 -24.42 -24.43 32.78
N SER A 129 -23.69 -23.42 32.31
CA SER A 129 -24.23 -22.07 32.22
C SER A 129 -25.19 -21.97 31.04
N ASN A 130 -26.46 -22.21 31.31
CA ASN A 130 -27.50 -22.23 30.28
C ASN A 130 -28.42 -21.02 30.37
N THR A 131 -28.88 -20.55 29.21
CA THR A 131 -29.79 -19.41 29.14
C THR A 131 -31.26 -19.84 29.32
N THR A 132 -31.51 -21.13 29.08
CA THR A 132 -32.83 -21.80 29.23
C THR A 132 -33.82 -21.56 28.09
N VAL A 133 -33.82 -20.37 27.51
CA VAL A 133 -34.71 -20.04 26.38
C VAL A 133 -33.94 -19.87 25.07
N ARG A 134 -34.51 -20.40 23.98
CA ARG A 134 -33.92 -20.19 22.68
C ARG A 134 -34.75 -19.23 21.85
N ALA A 135 -34.10 -18.19 21.35
CA ALA A 135 -34.74 -17.27 20.42
C ALA A 135 -34.66 -17.89 19.02
N LEU A 136 -35.69 -18.67 18.68
CA LEU A 136 -35.76 -19.33 17.37
C LEU A 136 -35.89 -18.33 16.23
N PRO A 137 -34.95 -18.39 15.28
CA PRO A 137 -34.99 -17.57 14.07
C PRO A 137 -36.13 -18.00 13.16
N ILE A 138 -36.95 -17.02 12.74
CA ILE A 138 -38.09 -17.30 11.87
C ILE A 138 -37.65 -17.14 10.42
N HIS A 139 -37.64 -18.24 9.68
CA HIS A 139 -37.21 -18.22 8.28
C HIS A 139 -38.31 -17.64 7.40
N THR A 140 -37.94 -16.64 6.60
CA THR A 140 -38.88 -15.96 5.72
C THR A 140 -38.84 -16.58 4.33
N SER A 141 -38.06 -15.98 3.43
CA SER A 141 -37.87 -16.51 2.09
C SER A 141 -36.59 -17.34 2.08
N ALA A 142 -36.32 -18.00 0.96
CA ALA A 142 -35.11 -18.79 0.80
C ALA A 142 -33.85 -18.00 1.19
N GLY A 143 -33.13 -18.51 2.18
CA GLY A 143 -31.87 -17.92 2.64
C GLY A 143 -31.98 -16.66 3.48
N HIS A 144 -33.17 -16.39 4.01
CA HIS A 144 -33.42 -15.22 4.84
C HIS A 144 -34.19 -15.62 6.09
N ALA A 145 -33.92 -14.95 7.20
CA ALA A 145 -34.61 -15.20 8.45
C ALA A 145 -34.69 -13.94 9.30
N VAL A 146 -35.70 -13.87 10.16
CA VAL A 146 -35.88 -12.71 11.05
C VAL A 146 -35.75 -13.14 12.51
N THR A 147 -34.80 -12.54 13.21
CA THR A 147 -34.53 -12.88 14.61
C THR A 147 -35.16 -11.86 15.53
N GLN A 148 -35.31 -12.24 16.80
CA GLN A 148 -35.82 -11.32 17.81
C GLN A 148 -34.76 -10.30 18.16
N LYS A 149 -35.09 -9.03 17.96
CA LYS A 149 -34.22 -7.93 18.35
C LYS A 149 -34.42 -7.62 19.83
N PRO A 150 -33.33 -7.56 20.61
CA PRO A 150 -33.41 -7.23 22.04
C PRO A 150 -33.91 -5.81 22.32
N SER A 151 -34.80 -5.66 23.30
CA SER A 151 -35.42 -4.38 23.64
C SER A 151 -35.32 -4.06 25.14
N SER A 152 -35.21 -2.77 25.46
CA SER A 152 -35.14 -2.30 26.83
C SER A 152 -36.50 -1.84 27.36
N GLU B 45 -6.12 -4.78 -12.47
CA GLU B 45 -4.98 -3.92 -12.87
C GLU B 45 -3.70 -4.74 -13.08
N VAL B 46 -3.18 -4.70 -14.29
CA VAL B 46 -1.92 -5.36 -14.65
C VAL B 46 -1.04 -4.42 -15.47
N GLU B 47 0.28 -4.54 -15.31
CA GLU B 47 1.21 -3.74 -16.11
C GLU B 47 1.25 -4.22 -17.56
N ASN B 48 0.63 -3.44 -18.43
CA ASN B 48 0.56 -3.75 -19.85
C ASN B 48 1.06 -2.58 -20.70
N THR B 49 2.38 -2.35 -20.63
CA THR B 49 3.04 -1.40 -21.51
C THR B 49 3.26 -2.06 -22.88
N ALA B 50 3.55 -1.25 -23.89
CA ALA B 50 3.94 -1.77 -25.20
C ALA B 50 5.24 -2.55 -25.11
N GLN B 51 6.01 -2.27 -24.06
CA GLN B 51 7.31 -2.89 -23.80
C GLN B 51 7.19 -4.31 -23.26
N LYS B 52 6.39 -4.49 -22.21
CA LYS B 52 6.29 -5.76 -21.51
C LYS B 52 4.92 -5.99 -20.87
N PHE B 53 4.71 -7.21 -20.37
CA PHE B 53 3.51 -7.57 -19.62
C PHE B 53 3.92 -8.09 -18.23
N CYS B 54 3.62 -7.31 -17.20
CA CYS B 54 3.98 -7.66 -15.83
C CYS B 54 2.78 -7.77 -14.90
N VAL B 55 2.84 -8.76 -14.02
CA VAL B 55 1.77 -9.04 -13.07
C VAL B 55 2.38 -9.30 -11.69
N LYS B 56 1.95 -8.54 -10.70
CA LYS B 56 2.44 -8.71 -9.33
C LYS B 56 1.29 -9.15 -8.44
N LEU B 57 1.42 -10.34 -7.86
CA LEU B 57 0.45 -10.83 -6.88
C LEU B 57 1.15 -11.09 -5.57
N ASP B 58 0.50 -10.78 -4.46
CA ASP B 58 1.02 -11.19 -3.17
C ASP B 58 0.57 -12.62 -2.87
N VAL B 59 1.54 -13.48 -2.54
CA VAL B 59 1.24 -14.85 -2.20
C VAL B 59 1.97 -15.23 -0.90
N ALA B 60 2.28 -14.23 -0.10
CA ALA B 60 3.03 -14.40 1.15
C ALA B 60 2.39 -15.42 2.11
N ALA B 61 1.07 -15.50 2.09
CA ALA B 61 0.32 -16.44 2.93
C ALA B 61 0.56 -17.90 2.54
N PHE B 62 0.93 -18.12 1.28
CA PHE B 62 1.21 -19.44 0.77
C PHE B 62 2.71 -19.69 0.64
N LYS B 63 3.11 -20.94 0.91
CA LYS B 63 4.50 -21.35 0.75
C LYS B 63 4.78 -21.65 -0.73
N PRO B 64 6.01 -21.36 -1.20
CA PRO B 64 6.38 -21.49 -2.61
C PRO B 64 6.05 -22.83 -3.26
N GLU B 65 6.31 -23.93 -2.56
CA GLU B 65 6.08 -25.28 -3.10
C GLU B 65 4.60 -25.68 -3.17
N GLU B 66 3.74 -24.85 -2.60
CA GLU B 66 2.28 -25.07 -2.62
C GLU B 66 1.62 -24.47 -3.86
N LEU B 67 2.34 -23.59 -4.55
CA LEU B 67 1.82 -22.86 -5.70
C LEU B 67 2.06 -23.55 -7.03
N LYS B 68 1.14 -23.36 -7.96
CA LYS B 68 1.20 -23.96 -9.28
C LYS B 68 0.91 -22.88 -10.32
N VAL B 69 1.77 -22.78 -11.33
CA VAL B 69 1.55 -21.84 -12.42
C VAL B 69 1.48 -22.60 -13.75
N ASN B 70 0.38 -22.41 -14.46
CA ASN B 70 0.15 -23.11 -15.72
C ASN B 70 -0.13 -22.17 -16.88
N LEU B 71 0.21 -22.62 -18.09
CA LEU B 71 -0.05 -21.86 -19.30
C LEU B 71 -0.75 -22.73 -20.35
N GLU B 72 -1.90 -22.25 -20.81
CA GLU B 72 -2.67 -22.92 -21.86
C GLU B 72 -2.88 -21.92 -22.99
N GLY B 73 -1.87 -21.82 -23.86
CA GLY B 73 -1.83 -20.80 -24.91
C GLY B 73 -1.67 -19.43 -24.30
N HIS B 74 -2.64 -18.54 -24.55
CA HIS B 74 -2.61 -17.19 -24.00
C HIS B 74 -3.29 -17.06 -22.63
N VAL B 75 -3.56 -18.19 -21.99
CA VAL B 75 -4.26 -18.22 -20.70
C VAL B 75 -3.33 -18.61 -19.56
N LEU B 76 -3.16 -17.72 -18.60
CA LEU B 76 -2.26 -17.93 -17.46
C LEU B 76 -3.06 -18.18 -16.20
N THR B 77 -2.75 -19.29 -15.52
CA THR B 77 -3.48 -19.67 -14.31
C THR B 77 -2.52 -19.84 -13.14
N ILE B 78 -2.83 -19.19 -12.02
CA ILE B 78 -2.04 -19.29 -10.79
C ILE B 78 -2.88 -19.84 -9.66
N GLU B 79 -2.52 -21.03 -9.18
CA GLU B 79 -3.30 -21.70 -8.14
C GLU B 79 -2.53 -21.80 -6.83
N GLY B 80 -3.26 -21.90 -5.72
CA GLY B 80 -2.67 -22.05 -4.41
C GLY B 80 -3.52 -22.89 -3.48
N HIS B 81 -2.87 -23.74 -2.69
CA HIS B 81 -3.56 -24.62 -1.76
C HIS B 81 -2.78 -24.79 -0.46
N HIS B 82 -3.46 -24.52 0.66
CA HIS B 82 -2.87 -24.65 1.98
C HIS B 82 -3.65 -25.68 2.78
N GLU B 83 -2.97 -26.41 3.66
CA GLU B 83 -3.61 -27.45 4.45
C GLU B 83 -2.82 -27.79 5.71
N VAL B 84 -3.19 -27.16 6.81
CA VAL B 84 -2.52 -27.35 8.11
C VAL B 84 -3.56 -27.73 9.16
N LYS B 85 -3.26 -28.76 9.96
CA LYS B 85 -4.15 -29.17 11.05
C LYS B 85 -4.13 -28.12 12.17
N THR B 86 -5.32 -27.62 12.53
CA THR B 86 -5.46 -26.73 13.67
C THR B 86 -5.39 -27.55 14.97
N GLU B 87 -5.44 -26.87 16.10
CA GLU B 87 -5.49 -27.52 17.41
C GLU B 87 -6.75 -28.39 17.55
N HIS B 88 -7.87 -27.87 17.04
CA HIS B 88 -9.18 -28.51 17.20
C HIS B 88 -9.71 -29.22 15.94
N GLY B 89 -8.97 -29.11 14.84
CA GLY B 89 -9.38 -29.70 13.57
C GLY B 89 -8.40 -29.40 12.46
N PHE B 90 -8.85 -28.69 11.42
CA PHE B 90 -7.97 -28.29 10.30
C PHE B 90 -8.37 -26.97 9.66
N SER B 91 -7.42 -26.37 8.93
CA SER B 91 -7.65 -25.13 8.19
C SER B 91 -7.22 -25.27 6.72
N LYS B 92 -8.06 -24.78 5.82
CA LYS B 92 -7.75 -24.81 4.38
C LYS B 92 -7.83 -23.42 3.77
N ARG B 93 -6.96 -23.15 2.80
CA ARG B 93 -6.98 -21.90 2.03
C ARG B 93 -6.76 -22.23 0.56
N SER B 94 -7.54 -21.61 -0.31
CA SER B 94 -7.43 -21.87 -1.75
C SER B 94 -7.66 -20.60 -2.56
N PHE B 95 -6.96 -20.50 -3.68
CA PHE B 95 -7.17 -19.41 -4.63
C PHE B 95 -6.83 -19.83 -6.05
N THR B 96 -7.46 -19.18 -7.03
CA THR B 96 -7.17 -19.40 -8.43
C THR B 96 -7.25 -18.07 -9.17
N ARG B 97 -6.12 -17.63 -9.72
CA ARG B 97 -6.06 -16.37 -10.43
C ARG B 97 -5.77 -16.63 -11.91
N GLN B 98 -6.62 -16.10 -12.78
CA GLN B 98 -6.47 -16.34 -14.20
C GLN B 98 -6.35 -15.05 -15.01
N PHE B 99 -5.38 -15.04 -15.92
CA PHE B 99 -5.13 -13.91 -16.82
C PHE B 99 -5.17 -14.34 -18.28
N THR B 100 -5.62 -13.43 -19.14
CA THR B 100 -5.55 -13.63 -20.58
C THR B 100 -4.59 -12.61 -21.18
N LEU B 101 -3.37 -13.07 -21.48
CA LEU B 101 -2.32 -12.22 -22.03
C LEU B 101 -2.63 -11.91 -23.50
N PRO B 102 -2.45 -10.64 -23.91
CA PRO B 102 -2.72 -10.23 -25.30
C PRO B 102 -1.77 -10.92 -26.29
N LYS B 103 -2.14 -10.92 -27.57
CA LYS B 103 -1.37 -11.63 -28.60
C LYS B 103 0.03 -11.04 -28.86
N ASP B 104 0.27 -9.84 -28.34
CA ASP B 104 1.55 -9.16 -28.49
C ASP B 104 2.66 -9.84 -27.70
N VAL B 105 2.28 -10.48 -26.59
CA VAL B 105 3.24 -11.07 -25.65
C VAL B 105 3.95 -12.29 -26.25
N ASP B 106 5.26 -12.33 -26.06
CA ASP B 106 6.09 -13.46 -26.48
C ASP B 106 6.12 -14.51 -25.37
N LEU B 107 5.39 -15.60 -25.60
CA LEU B 107 5.11 -16.60 -24.57
C LEU B 107 6.32 -17.44 -24.17
N ALA B 108 7.29 -17.56 -25.08
CA ALA B 108 8.49 -18.35 -24.82
C ALA B 108 9.29 -17.79 -23.64
N HIS B 109 9.31 -16.46 -23.53
CA HIS B 109 10.08 -15.78 -22.48
C HIS B 109 9.20 -15.32 -21.32
N ILE B 110 8.74 -16.28 -20.52
CA ILE B 110 7.96 -15.99 -19.32
C ILE B 110 8.76 -16.40 -18.08
N HIS B 111 8.92 -15.47 -17.13
CA HIS B 111 9.61 -15.78 -15.89
C HIS B 111 8.73 -15.50 -14.66
N THR B 112 8.64 -16.50 -13.79
CA THR B 112 7.87 -16.40 -12.54
C THR B 112 8.82 -16.45 -11.34
N VAL B 113 8.83 -15.37 -10.56
CA VAL B 113 9.77 -15.24 -9.45
C VAL B 113 9.11 -14.74 -8.16
N ILE B 114 9.35 -15.48 -7.07
CA ILE B 114 8.85 -15.11 -5.74
C ILE B 114 10.02 -14.64 -4.89
N ASN B 115 9.95 -13.40 -4.42
CA ASN B 115 11.05 -12.80 -3.66
C ASN B 115 11.03 -13.14 -2.18
N LYS B 116 11.93 -12.52 -1.42
CA LYS B 116 12.05 -12.72 0.03
C LYS B 116 10.80 -12.27 0.76
N GLU B 117 10.16 -11.22 0.24
CA GLU B 117 8.97 -10.62 0.84
C GLU B 117 7.73 -11.53 0.72
N GLY B 118 7.78 -12.49 -0.20
CA GLY B 118 6.71 -13.47 -0.37
C GLY B 118 5.85 -13.26 -1.60
N GLN B 119 5.91 -12.06 -2.16
CA GLN B 119 5.12 -11.72 -3.35
C GLN B 119 5.69 -12.28 -4.65
N MET B 120 4.81 -12.85 -5.47
CA MET B 120 5.17 -13.43 -6.75
C MET B 120 4.92 -12.43 -7.88
N THR B 121 5.90 -12.32 -8.78
CA THR B 121 5.76 -11.45 -9.95
C THR B 121 6.05 -12.19 -11.26
N ILE B 122 5.11 -12.10 -12.20
CA ILE B 122 5.22 -12.73 -13.50
C ILE B 122 5.39 -11.67 -14.56
N ASP B 123 6.50 -11.75 -15.29
CA ASP B 123 6.80 -10.80 -16.37
C ASP B 123 7.13 -11.52 -17.67
N ALA B 124 6.73 -10.92 -18.79
CA ALA B 124 7.01 -11.45 -20.12
C ALA B 124 7.01 -10.32 -21.14
N PRO B 125 8.15 -10.11 -21.83
CA PRO B 125 8.26 -9.04 -22.82
C PRO B 125 7.51 -9.37 -24.10
N LYS B 126 6.91 -8.35 -24.71
CA LYS B 126 6.18 -8.51 -25.96
C LYS B 126 7.12 -8.72 -27.15
N THR B 127 6.63 -9.41 -28.17
CA THR B 127 7.40 -9.67 -29.39
C THR B 127 7.60 -8.36 -30.15
N GLY B 128 8.86 -7.96 -30.29
CA GLY B 128 9.21 -6.74 -31.00
C GLY B 128 10.26 -5.91 -30.29
N SER B 129 10.13 -5.81 -28.96
CA SER B 129 11.02 -4.97 -28.17
C SER B 129 12.11 -5.77 -27.45
N ASN B 130 13.32 -5.21 -27.43
CA ASN B 130 14.47 -5.84 -26.78
C ASN B 130 14.60 -5.43 -25.32
N THR B 131 14.43 -6.41 -24.44
CA THR B 131 14.54 -6.21 -23.00
C THR B 131 16.01 -6.04 -22.57
N THR B 132 16.52 -4.81 -22.72
CA THR B 132 17.91 -4.53 -22.38
C THR B 132 18.02 -3.27 -21.51
N VAL B 133 18.62 -3.44 -20.33
CA VAL B 133 18.87 -2.33 -19.43
C VAL B 133 20.11 -1.58 -19.91
N ARG B 134 19.98 -0.27 -20.06
CA ARG B 134 21.06 0.59 -20.57
C ARG B 134 21.25 1.82 -19.70
N ALA B 135 22.37 1.87 -18.98
CA ALA B 135 22.68 3.00 -18.11
C ALA B 135 23.21 4.17 -18.92
N LEU B 136 22.57 5.33 -18.77
CA LEU B 136 22.98 6.54 -19.47
C LEU B 136 23.97 7.35 -18.62
N PRO B 137 25.12 7.73 -19.22
CA PRO B 137 26.13 8.50 -18.49
C PRO B 137 25.66 9.93 -18.23
N ILE B 138 25.94 10.42 -17.03
CA ILE B 138 25.52 11.75 -16.61
C ILE B 138 26.64 12.78 -16.76
N HIS B 139 26.39 13.80 -17.58
CA HIS B 139 27.39 14.84 -17.83
C HIS B 139 27.02 16.15 -17.13
N THR B 140 28.04 16.90 -16.73
CA THR B 140 27.86 18.20 -16.09
C THR B 140 28.46 19.33 -16.94
N SER B 141 28.35 20.56 -16.46
CA SER B 141 28.92 21.72 -17.16
C SER B 141 30.42 21.82 -16.97
N PHE C 18 -10.28 35.70 -1.47
CA PHE C 18 -9.34 34.63 -1.02
C PHE C 18 -9.71 33.30 -1.70
N GLU C 19 -9.06 33.04 -2.83
CA GLU C 19 -9.33 31.85 -3.64
C GLU C 19 -8.59 30.63 -3.12
N ASP C 20 -7.35 30.84 -2.69
CA ASP C 20 -6.46 29.76 -2.23
C ASP C 20 -6.79 29.30 -0.81
N MET C 21 -8.03 28.86 -0.62
CA MET C 21 -8.42 28.24 0.64
C MET C 21 -8.55 26.73 0.38
N MET C 22 -7.39 26.08 0.31
CA MET C 22 -7.30 24.67 -0.06
C MET C 22 -6.31 23.95 0.84
N PRO C 23 -6.28 22.60 0.78
CA PRO C 23 -5.27 21.84 1.53
C PRO C 23 -3.86 22.22 1.11
N TYR C 24 -2.90 22.05 2.02
CA TYR C 24 -1.52 22.44 1.75
C TYR C 24 -0.85 21.63 0.65
N TRP C 25 -1.35 20.42 0.41
CA TRP C 25 -0.78 19.54 -0.59
C TRP C 25 -1.37 19.74 -1.98
N ALA C 26 -2.28 20.69 -2.11
CA ALA C 26 -2.96 20.95 -3.39
C ALA C 26 -1.98 21.30 -4.51
N GLN C 27 -0.97 22.08 -4.18
CA GLN C 27 -0.01 22.56 -5.17
C GLN C 27 1.17 21.63 -5.43
N ARG C 28 1.04 20.38 -4.99
CA ARG C 28 2.11 19.40 -5.21
C ARG C 28 2.08 18.81 -6.62
N HIS C 29 0.96 19.02 -7.33
CA HIS C 29 0.84 18.58 -8.72
C HIS C 29 1.74 19.40 -9.65
N SER C 30 2.11 20.59 -9.20
CA SER C 30 3.03 21.47 -9.92
C SER C 30 4.43 20.88 -9.93
N MET C 31 4.75 20.12 -8.89
CA MET C 31 6.12 19.74 -8.59
C MET C 31 6.53 18.36 -9.10
N LEU C 32 5.85 17.87 -10.13
CA LEU C 32 6.13 16.54 -10.71
C LEU C 32 7.61 16.30 -10.99
N ASN C 33 8.30 17.35 -11.44
CA ASN C 33 9.70 17.28 -11.81
C ASN C 33 10.63 17.84 -10.74
N ASN C 34 10.10 18.67 -9.86
CA ASN C 34 10.89 19.27 -8.78
C ASN C 34 11.02 18.31 -7.59
N PHE C 35 12.26 18.05 -7.18
CA PHE C 35 12.52 17.12 -6.07
C PHE C 35 13.26 17.75 -4.91
N ASN C 36 13.01 19.04 -4.69
CA ASN C 36 13.48 19.74 -3.50
C ASN C 36 12.40 19.79 -2.43
N ASN C 37 11.16 19.52 -2.84
CA ASN C 37 10.00 19.54 -1.96
C ASN C 37 10.00 18.48 -0.86
N ILE C 38 10.84 17.44 -1.03
CA ILE C 38 11.09 16.44 0.00
C ILE C 38 11.52 17.18 1.25
N VAL C 39 11.05 16.76 2.42
CA VAL C 39 11.33 17.47 3.67
C VAL C 39 12.73 18.06 3.67
N PRO C 40 12.82 19.39 3.56
CA PRO C 40 14.13 20.01 3.62
C PRO C 40 14.54 20.25 5.06
N GLN C 41 15.84 20.38 5.29
CA GLN C 41 16.34 20.81 6.59
C GLN C 41 15.76 22.19 6.89
N GLN C 42 15.24 22.36 8.11
CA GLN C 42 14.63 23.61 8.51
C GLN C 42 15.42 24.39 9.54
N LEU C 43 15.18 25.70 9.59
CA LEU C 43 15.67 26.56 10.66
C LEU C 43 15.18 26.02 12.01
N ASN C 44 16.10 25.84 12.94
CA ASN C 44 15.78 25.35 14.28
C ASN C 44 14.84 24.15 14.23
N GLU C 45 15.29 23.09 13.54
CA GLU C 45 14.49 21.88 13.34
C GLU C 45 14.22 21.18 14.66
N VAL C 46 15.28 20.89 15.41
CA VAL C 46 15.16 20.26 16.71
C VAL C 46 15.34 21.32 17.80
N GLU C 47 14.34 21.45 18.66
CA GLU C 47 14.40 22.38 19.77
C GLU C 47 14.40 21.59 21.07
N ASN C 48 15.51 21.67 21.80
CA ASN C 48 15.69 20.89 23.02
C ASN C 48 15.82 21.80 24.25
N THR C 49 14.69 22.13 24.86
CA THR C 49 14.66 22.91 26.09
C THR C 49 14.46 22.00 27.31
N ALA C 50 14.45 22.58 28.50
CA ALA C 50 14.19 21.86 29.74
C ALA C 50 12.72 21.45 29.86
N GLN C 51 11.87 22.13 29.09
CA GLN C 51 10.43 21.91 29.12
C GLN C 51 10.01 20.74 28.22
N LYS C 52 10.44 20.80 26.96
CA LYS C 52 9.97 19.88 25.92
C LYS C 52 11.07 19.48 24.94
N PHE C 53 10.73 18.61 24.00
CA PHE C 53 11.63 18.21 22.93
C PHE C 53 10.86 18.31 21.60
N CYS C 54 11.01 19.44 20.92
CA CYS C 54 10.30 19.70 19.67
C CYS C 54 11.05 19.19 18.45
N VAL C 55 10.29 18.68 17.49
CA VAL C 55 10.82 18.33 16.18
C VAL C 55 9.88 18.93 15.14
N LYS C 56 10.41 19.83 14.30
CA LYS C 56 9.59 20.48 13.28
C LYS C 56 10.06 20.13 11.87
N LEU C 57 9.14 19.62 11.06
CA LEU C 57 9.46 19.18 9.71
C LEU C 57 8.49 19.82 8.71
N ASP C 58 8.96 20.07 7.49
CA ASP C 58 8.07 20.57 6.43
C ASP C 58 7.61 19.43 5.52
N VAL C 59 6.48 18.85 5.89
CA VAL C 59 5.90 17.70 5.19
C VAL C 59 4.86 18.12 4.16
N ALA C 60 4.93 19.38 3.73
CA ALA C 60 3.92 19.99 2.87
C ALA C 60 3.67 19.27 1.53
N ALA C 61 4.59 18.38 1.17
CA ALA C 61 4.50 17.62 -0.07
C ALA C 61 3.74 16.30 0.09
N PHE C 62 3.26 16.05 1.31
CA PHE C 62 2.62 14.79 1.67
C PHE C 62 1.28 14.96 2.35
N LYS C 63 0.30 14.16 1.94
CA LYS C 63 -0.96 14.04 2.65
C LYS C 63 -0.68 13.41 4.01
N PRO C 64 -1.49 13.78 5.04
CA PRO C 64 -1.35 13.13 6.34
C PRO C 64 -1.55 11.61 6.23
N GLU C 65 -2.39 11.20 5.28
CA GLU C 65 -2.67 9.79 5.01
C GLU C 65 -1.43 9.04 4.52
N GLU C 66 -0.48 9.78 3.97
CA GLU C 66 0.73 9.20 3.38
C GLU C 66 1.89 9.05 4.36
N LEU C 67 1.80 9.75 5.49
CA LEU C 67 2.89 9.75 6.47
C LEU C 67 2.72 8.68 7.55
N LYS C 68 3.85 8.26 8.13
CA LYS C 68 3.87 7.32 9.24
C LYS C 68 4.78 7.84 10.35
N VAL C 69 4.27 7.86 11.58
CA VAL C 69 5.09 8.26 12.72
C VAL C 69 5.14 7.12 13.73
N ASN C 70 6.34 6.64 14.00
CA ASN C 70 6.52 5.50 14.90
C ASN C 70 7.52 5.75 16.04
N LEU C 71 7.38 4.96 17.10
CA LEU C 71 8.25 5.10 18.26
C LEU C 71 8.64 3.73 18.81
N GLU C 72 9.89 3.34 18.56
CA GLU C 72 10.44 2.10 19.08
C GLU C 72 11.45 2.42 20.17
N GLY C 73 10.99 2.36 21.42
CA GLY C 73 11.80 2.78 22.56
C GLY C 73 11.92 4.29 22.57
N HIS C 74 13.15 4.79 22.51
CA HIS C 74 13.40 6.22 22.42
C HIS C 74 13.66 6.67 20.98
N VAL C 75 13.61 5.71 20.06
CA VAL C 75 13.82 5.98 18.64
C VAL C 75 12.52 6.38 17.96
N LEU C 76 12.48 7.61 17.44
CA LEU C 76 11.32 8.15 16.75
C LEU C 76 11.58 8.22 15.24
N THR C 77 10.66 7.66 14.47
CA THR C 77 10.82 7.56 13.02
C THR C 77 9.67 8.24 12.30
N ILE C 78 10.00 9.13 11.37
CA ILE C 78 9.01 9.75 10.50
C ILE C 78 9.21 9.25 9.07
N GLU C 79 8.14 8.77 8.48
CA GLU C 79 8.23 8.17 7.15
C GLU C 79 7.12 8.71 6.24
N GLY C 80 7.34 8.65 4.92
CA GLY C 80 6.43 9.26 3.95
C GLY C 80 6.66 8.71 2.56
N HIS C 81 5.56 8.56 1.82
CA HIS C 81 5.62 8.02 0.48
C HIS C 81 4.51 8.63 -0.36
N HIS C 82 4.80 8.88 -1.63
CA HIS C 82 3.88 9.56 -2.51
C HIS C 82 4.08 9.11 -3.97
N GLU C 83 2.98 8.75 -4.62
CA GLU C 83 3.00 8.32 -6.02
C GLU C 83 1.94 9.03 -6.84
N VAL C 84 2.37 9.56 -7.99
CA VAL C 84 1.44 10.18 -8.93
C VAL C 84 1.50 9.38 -10.23
N LYS C 85 0.45 9.45 -11.03
CA LYS C 85 0.47 8.87 -12.34
C LYS C 85 0.33 9.95 -13.40
N THR C 86 1.37 10.10 -14.22
CA THR C 86 1.28 10.93 -15.42
C THR C 86 0.71 10.06 -16.55
N GLU C 87 0.45 10.67 -17.70
CA GLU C 87 -0.08 9.95 -18.88
C GLU C 87 0.52 8.56 -19.10
N HIS C 88 1.85 8.49 -19.17
CA HIS C 88 2.55 7.23 -19.43
C HIS C 88 3.67 6.90 -18.42
N GLY C 89 3.94 7.82 -17.50
CA GLY C 89 4.95 7.60 -16.47
C GLY C 89 4.47 7.93 -15.07
N PHE C 90 5.38 7.89 -14.10
CA PHE C 90 5.06 8.22 -12.71
C PHE C 90 6.09 9.11 -12.02
N SER C 91 5.78 9.56 -10.81
CA SER C 91 6.69 10.39 -10.02
C SER C 91 6.66 10.03 -8.53
N LYS C 92 7.58 9.17 -8.12
CA LYS C 92 7.69 8.71 -6.72
C LYS C 92 8.55 9.64 -5.88
N ARG C 93 8.22 9.75 -4.60
CA ARG C 93 8.92 10.59 -3.64
C ARG C 93 8.86 9.97 -2.25
N SER C 94 10.00 9.84 -1.59
CA SER C 94 10.07 9.22 -0.27
C SER C 94 11.01 9.95 0.67
N PHE C 95 10.84 9.70 1.97
CA PHE C 95 11.77 10.15 2.99
C PHE C 95 11.74 9.23 4.20
N THR C 96 12.79 9.28 5.02
CA THR C 96 12.82 8.53 6.28
C THR C 96 13.68 9.29 7.28
N ARG C 97 13.02 10.11 8.10
CA ARG C 97 13.70 10.88 9.12
C ARG C 97 13.65 10.10 10.44
N GLN C 98 14.75 10.16 11.20
CA GLN C 98 14.83 9.47 12.48
C GLN C 98 15.49 10.33 13.55
N PHE C 99 14.98 10.21 14.77
CA PHE C 99 15.49 10.95 15.91
C PHE C 99 15.50 10.05 17.14
N THR C 100 16.62 10.04 17.85
CA THR C 100 16.69 9.34 19.13
C THR C 100 16.46 10.35 20.25
N LEU C 101 15.32 10.20 20.92
CA LEU C 101 14.93 11.10 21.99
C LEU C 101 15.75 10.88 23.25
N PRO C 102 16.12 11.97 23.95
CA PRO C 102 16.86 11.89 25.21
C PRO C 102 16.11 11.11 26.29
N LYS C 103 16.87 10.54 27.24
CA LYS C 103 16.31 9.68 28.29
C LYS C 103 15.29 10.39 29.19
N ASP C 104 15.46 11.71 29.34
CA ASP C 104 14.62 12.51 30.25
C ASP C 104 13.26 12.92 29.66
N VAL C 105 13.02 12.55 28.41
CA VAL C 105 11.76 12.88 27.73
C VAL C 105 10.69 11.87 28.13
N ASP C 106 9.51 12.39 28.49
CA ASP C 106 8.36 11.56 28.86
C ASP C 106 7.69 10.99 27.61
N LEU C 107 7.96 9.72 27.34
CA LEU C 107 7.49 9.03 26.12
C LEU C 107 5.98 8.91 26.02
N ALA C 108 5.30 8.97 27.16
CA ALA C 108 3.86 8.81 27.20
C ALA C 108 3.12 9.99 26.57
N HIS C 109 3.64 11.19 26.77
CA HIS C 109 2.93 12.42 26.38
C HIS C 109 3.28 12.97 25.00
N ILE C 110 4.08 12.21 24.24
CA ILE C 110 4.48 12.61 22.90
C ILE C 110 3.25 12.82 22.00
N HIS C 111 3.28 13.87 21.19
CA HIS C 111 2.10 14.38 20.50
C HIS C 111 2.48 15.00 19.14
N THR C 112 1.98 14.41 18.06
CA THR C 112 2.29 14.90 16.71
C THR C 112 1.13 15.69 16.09
N VAL C 113 1.45 16.83 15.49
CA VAL C 113 0.45 17.66 14.81
C VAL C 113 0.92 18.19 13.44
N ILE C 114 -0.02 18.32 12.52
CA ILE C 114 0.23 18.98 11.24
C ILE C 114 -0.75 20.14 11.06
N ASN C 115 -0.22 21.35 11.07
CA ASN C 115 -1.04 22.55 10.86
C ASN C 115 -1.46 22.70 9.41
N LYS C 116 -2.33 23.67 9.14
CA LYS C 116 -2.89 23.87 7.79
C LYS C 116 -1.86 24.30 6.75
N GLU C 117 -0.71 24.80 7.21
CA GLU C 117 0.42 25.13 6.32
C GLU C 117 1.15 23.87 5.87
N GLY C 118 1.06 22.80 6.66
CA GLY C 118 1.68 21.54 6.30
C GLY C 118 3.01 21.33 6.99
N GLN C 119 3.16 21.93 8.17
CA GLN C 119 4.35 21.76 8.96
C GLN C 119 4.06 20.81 10.13
N MET C 120 4.68 19.64 10.08
CA MET C 120 4.59 18.68 11.18
C MET C 120 5.45 19.14 12.35
N THR C 121 4.92 18.95 13.55
CA THR C 121 5.65 19.28 14.75
C THR C 121 5.39 18.25 15.85
N ILE C 122 6.43 17.48 16.18
CA ILE C 122 6.35 16.44 17.19
C ILE C 122 6.79 16.98 18.54
N ASP C 123 5.82 17.13 19.44
CA ASP C 123 6.05 17.73 20.73
C ASP C 123 6.05 16.64 21.81
N ALA C 124 7.15 16.53 22.53
CA ALA C 124 7.27 15.57 23.62
C ALA C 124 7.95 16.22 24.82
N PRO C 125 7.17 16.50 25.89
CA PRO C 125 7.72 17.20 27.06
C PRO C 125 8.60 16.29 27.92
N LYS C 126 9.60 16.88 28.58
CA LYS C 126 10.48 16.14 29.49
C LYS C 126 9.75 15.79 30.78
N THR C 127 10.27 14.79 31.50
CA THR C 127 9.60 14.20 32.67
C THR C 127 9.19 15.20 33.76
N GLY C 128 10.03 16.19 34.01
CA GLY C 128 9.79 17.19 35.04
C GLY C 128 8.49 17.95 34.84
N SER C 129 8.47 18.79 33.82
CA SER C 129 7.29 19.59 33.49
C SER C 129 6.21 18.71 32.85
N ASN C 130 5.33 18.18 33.71
CA ASN C 130 4.29 17.25 33.29
C ASN C 130 2.90 17.88 33.34
N THR C 131 2.04 17.49 32.39
CA THR C 131 0.67 18.00 32.32
C THR C 131 -0.27 17.19 33.24
N THR C 132 0.17 15.97 33.58
CA THR C 132 -0.53 15.01 34.47
C THR C 132 -1.70 14.24 33.83
N VAL C 133 -2.45 14.89 32.95
CA VAL C 133 -3.58 14.24 32.26
C VAL C 133 -3.29 14.00 30.78
N ARG C 134 -3.69 12.83 30.28
CA ARG C 134 -3.58 12.57 28.85
C ARG C 134 -4.93 12.58 28.18
N ALA C 135 -5.06 13.37 27.13
CA ALA C 135 -6.25 13.37 26.32
C ALA C 135 -6.13 12.24 25.33
N LEU C 136 -6.65 11.07 25.70
CA LEU C 136 -6.62 9.87 24.86
C LEU C 136 -7.48 10.02 23.61
N PRO C 137 -6.85 9.87 22.42
CA PRO C 137 -7.55 9.88 21.14
C PRO C 137 -8.44 8.67 20.98
N ILE C 138 -9.70 8.89 20.65
CA ILE C 138 -10.69 7.82 20.48
C ILE C 138 -10.69 7.38 19.03
N HIS C 139 -10.21 6.17 18.76
CA HIS C 139 -10.15 5.66 17.40
C HIS C 139 -11.53 5.24 16.93
N THR C 140 -11.91 5.75 15.76
CA THR C 140 -13.23 5.47 15.19
C THR C 140 -13.15 4.32 14.21
N SER C 141 -13.00 4.64 12.92
CA SER C 141 -12.83 3.63 11.90
C SER C 141 -11.35 3.47 11.62
N ALA C 142 -10.99 2.50 10.77
CA ALA C 142 -9.60 2.27 10.41
C ALA C 142 -8.91 3.57 9.95
N GLY C 143 -7.84 3.93 10.65
CA GLY C 143 -7.02 5.10 10.32
C GLY C 143 -7.61 6.47 10.65
N HIS C 144 -8.62 6.48 11.52
CA HIS C 144 -9.29 7.70 11.94
C HIS C 144 -9.49 7.73 13.45
N ALA C 145 -9.38 8.92 14.04
CA ALA C 145 -9.59 9.08 15.46
C ALA C 145 -10.16 10.46 15.77
N VAL C 146 -10.88 10.56 16.90
CA VAL C 146 -11.45 11.83 17.33
C VAL C 146 -10.86 12.29 18.67
N THR C 147 -10.22 13.45 18.65
CA THR C 147 -9.55 13.98 19.83
C THR C 147 -10.42 14.99 20.53
N GLN C 148 -10.11 15.26 21.80
CA GLN C 148 -10.81 16.28 22.56
C GLN C 148 -10.41 17.66 22.07
N LYS C 149 -11.41 18.43 21.61
CA LYS C 149 -11.20 19.81 21.20
C LYS C 149 -11.25 20.73 22.42
N PRO C 150 -10.23 21.58 22.60
CA PRO C 150 -10.17 22.52 23.74
C PRO C 150 -11.29 23.58 23.70
N SER C 151 -11.90 23.84 24.86
CA SER C 151 -13.03 24.77 24.97
C SER C 151 -12.81 25.80 26.08
N SER C 152 -13.37 27.00 25.88
CA SER C 152 -13.27 28.08 26.86
C SER C 152 -14.54 28.17 27.72
N GLU D 45 4.01 17.37 -17.65
CA GLU D 45 4.40 18.29 -18.76
C GLU D 45 5.84 18.06 -19.18
N VAL D 46 6.01 17.70 -20.45
CA VAL D 46 7.33 17.51 -21.06
C VAL D 46 7.37 18.16 -22.43
N GLU D 47 8.54 18.65 -22.83
CA GLU D 47 8.72 19.24 -24.17
C GLU D 47 8.72 18.15 -25.24
N ASN D 48 7.62 18.06 -25.96
CA ASN D 48 7.45 17.08 -27.03
C ASN D 48 7.05 17.75 -28.35
N THR D 49 8.01 18.49 -28.92
CA THR D 49 7.85 19.03 -30.27
C THR D 49 8.14 17.93 -31.28
N ALA D 50 7.73 18.16 -32.54
CA ALA D 50 8.07 17.25 -33.64
C ALA D 50 9.59 17.21 -33.85
N GLN D 51 10.26 18.26 -33.39
CA GLN D 51 11.71 18.41 -33.52
C GLN D 51 12.49 17.54 -32.54
N LYS D 52 12.13 17.63 -31.26
CA LYS D 52 12.89 16.95 -30.19
C LYS D 52 12.02 16.55 -29.00
N PHE D 53 12.62 15.79 -28.08
CA PHE D 53 11.99 15.43 -26.81
C PHE D 53 12.88 15.89 -25.66
N CYS D 54 12.41 16.89 -24.92
CA CYS D 54 13.18 17.45 -23.81
C CYS D 54 12.44 17.35 -22.47
N VAL D 55 13.20 17.06 -21.42
CA VAL D 55 12.67 16.91 -20.07
C VAL D 55 13.58 17.65 -19.09
N LYS D 56 12.99 18.56 -18.33
CA LYS D 56 13.74 19.32 -17.33
C LYS D 56 13.23 18.99 -15.93
N LEU D 57 14.10 18.42 -15.11
CA LEU D 57 13.76 18.16 -13.71
C LEU D 57 14.74 18.88 -12.82
N ASP D 58 14.25 19.43 -11.71
CA ASP D 58 15.15 19.96 -10.72
C ASP D 58 15.62 18.84 -9.80
N VAL D 59 16.93 18.74 -9.64
CA VAL D 59 17.52 17.73 -8.77
C VAL D 59 18.56 18.38 -7.85
N ALA D 60 18.43 19.69 -7.64
CA ALA D 60 19.39 20.47 -6.86
C ALA D 60 19.62 19.91 -5.45
N ALA D 61 18.57 19.33 -4.87
CA ALA D 61 18.65 18.74 -3.53
C ALA D 61 19.57 17.53 -3.47
N PHE D 62 19.74 16.86 -4.61
CA PHE D 62 20.58 15.69 -4.72
C PHE D 62 21.92 16.02 -5.38
N LYS D 63 22.97 15.37 -4.92
CA LYS D 63 24.31 15.51 -5.51
C LYS D 63 24.41 14.64 -6.77
N PRO D 64 25.16 15.12 -7.79
CA PRO D 64 25.26 14.45 -9.09
C PRO D 64 25.60 12.96 -9.06
N GLU D 65 26.54 12.57 -8.19
CA GLU D 65 26.98 11.17 -8.11
C GLU D 65 25.98 10.24 -7.41
N GLU D 66 24.93 10.83 -6.83
CA GLU D 66 23.88 10.07 -6.15
C GLU D 66 22.76 9.65 -7.11
N LEU D 67 22.74 10.26 -8.30
CA LEU D 67 21.68 10.04 -9.28
C LEU D 67 22.00 8.92 -10.27
N LYS D 68 20.95 8.24 -10.72
CA LYS D 68 21.07 7.14 -11.67
C LYS D 68 20.03 7.32 -12.78
N VAL D 69 20.48 7.24 -14.02
CA VAL D 69 19.58 7.33 -15.17
C VAL D 69 19.68 6.04 -15.98
N ASN D 70 18.54 5.39 -16.19
CA ASN D 70 18.49 4.13 -16.91
C ASN D 70 17.52 4.15 -18.08
N LEU D 71 17.80 3.33 -19.09
CA LEU D 71 16.93 3.20 -20.25
C LEU D 71 16.62 1.74 -20.56
N GLU D 72 15.35 1.42 -20.61
CA GLU D 72 14.87 0.08 -20.94
C GLU D 72 13.95 0.19 -22.13
N GLY D 73 14.54 0.23 -23.32
CA GLY D 73 13.82 0.50 -24.56
C GLY D 73 13.31 1.92 -24.57
N HIS D 74 12.00 2.09 -24.66
CA HIS D 74 11.38 3.42 -24.67
C HIS D 74 11.02 3.95 -23.27
N VAL D 75 11.55 3.30 -22.25
CA VAL D 75 11.25 3.65 -20.85
C VAL D 75 12.46 4.29 -20.17
N LEU D 76 12.29 5.53 -19.72
CA LEU D 76 13.36 6.29 -19.08
C LEU D 76 13.09 6.42 -17.59
N THR D 77 14.07 6.03 -16.77
CA THR D 77 13.93 6.07 -15.32
C THR D 77 15.03 6.90 -14.68
N ILE D 78 14.63 7.84 -13.83
CA ILE D 78 15.58 8.70 -13.11
C ILE D 78 15.40 8.51 -11.61
N GLU D 79 16.43 7.98 -10.96
CA GLU D 79 16.38 7.68 -9.53
C GLU D 79 17.33 8.56 -8.72
N GLY D 80 16.99 8.75 -7.45
CA GLY D 80 17.83 9.55 -6.55
C GLY D 80 17.78 9.02 -5.13
N HIS D 81 18.93 9.04 -4.45
CA HIS D 81 19.03 8.56 -3.09
C HIS D 81 19.99 9.41 -2.27
N HIS D 82 19.53 9.90 -1.13
CA HIS D 82 20.33 10.70 -0.22
C HIS D 82 20.41 9.99 1.13
N GLU D 83 21.53 10.16 1.83
CA GLU D 83 21.74 9.50 3.12
C GLU D 83 22.82 10.19 3.94
N VAL D 84 22.40 11.09 4.81
CA VAL D 84 23.29 11.85 5.68
C VAL D 84 22.87 11.68 7.13
N LYS D 85 23.83 11.41 8.02
CA LYS D 85 23.54 11.30 9.44
C LYS D 85 23.20 12.66 10.03
N THR D 86 22.04 12.76 10.68
CA THR D 86 21.67 13.98 11.40
C THR D 86 22.41 14.01 12.75
N GLU D 87 22.24 15.10 13.48
CA GLU D 87 22.82 15.25 14.81
C GLU D 87 22.28 14.16 15.76
N HIS D 88 20.99 13.85 15.63
CA HIS D 88 20.30 12.94 16.55
C HIS D 88 20.01 11.55 15.95
N GLY D 89 20.33 11.37 14.67
CA GLY D 89 20.07 10.12 13.96
C GLY D 89 20.49 10.17 12.51
N PHE D 90 19.54 10.00 11.59
CA PHE D 90 19.81 10.08 10.16
C PHE D 90 18.62 10.63 9.34
N SER D 91 18.92 11.08 8.12
CA SER D 91 17.92 11.58 7.18
C SER D 91 18.06 10.90 5.82
N LYS D 92 16.93 10.50 5.25
CA LYS D 92 16.92 9.87 3.93
C LYS D 92 15.97 10.60 2.98
N ARG D 93 16.35 10.65 1.71
CA ARG D 93 15.50 11.21 0.65
C ARG D 93 15.59 10.31 -0.58
N SER D 94 14.43 10.04 -1.18
CA SER D 94 14.36 9.15 -2.35
C SER D 94 13.34 9.62 -3.36
N PHE D 95 13.63 9.42 -4.64
CA PHE D 95 12.68 9.70 -5.70
C PHE D 95 12.90 8.79 -6.91
N THR D 96 11.85 8.56 -7.68
CA THR D 96 11.92 7.79 -8.90
C THR D 96 11.00 8.42 -9.92
N ARG D 97 11.57 8.92 -11.01
CA ARG D 97 10.79 9.55 -12.08
C ARG D 97 10.87 8.72 -13.34
N GLN D 98 9.72 8.36 -13.90
CA GLN D 98 9.70 7.50 -15.08
C GLN D 98 8.94 8.13 -16.24
N PHE D 99 9.53 8.05 -17.42
CA PHE D 99 8.95 8.58 -18.66
C PHE D 99 8.87 7.49 -19.73
N THR D 100 7.84 7.57 -20.56
CA THR D 100 7.72 6.72 -21.73
C THR D 100 7.83 7.58 -22.99
N LEU D 101 9.01 7.57 -23.60
CA LEU D 101 9.29 8.36 -24.81
C LEU D 101 8.58 7.73 -26.00
N PRO D 102 7.95 8.56 -26.85
CA PRO D 102 7.25 8.06 -28.05
C PRO D 102 8.20 7.41 -29.06
N LYS D 103 7.66 6.62 -29.98
CA LYS D 103 8.47 5.86 -30.93
C LYS D 103 9.24 6.72 -31.93
N ASP D 104 8.88 8.00 -32.01
CA ASP D 104 9.51 8.96 -32.91
C ASP D 104 10.94 9.28 -32.48
N VAL D 105 11.20 9.21 -31.18
CA VAL D 105 12.48 9.59 -30.59
C VAL D 105 13.60 8.64 -30.99
N ASP D 106 14.74 9.22 -31.39
CA ASP D 106 15.96 8.47 -31.71
C ASP D 106 16.77 8.22 -30.44
N LEU D 107 16.73 6.99 -29.95
CA LEU D 107 17.24 6.64 -28.63
C LEU D 107 18.77 6.65 -28.53
N ALA D 108 19.44 6.48 -29.67
CA ALA D 108 20.91 6.48 -29.69
C ALA D 108 21.48 7.82 -29.23
N HIS D 109 20.80 8.90 -29.61
CA HIS D 109 21.26 10.25 -29.28
C HIS D 109 20.52 10.84 -28.08
N ILE D 110 20.81 10.32 -26.89
CA ILE D 110 20.27 10.87 -25.65
C ILE D 110 21.38 11.49 -24.81
N HIS D 111 21.19 12.74 -24.40
CA HIS D 111 22.15 13.41 -23.53
C HIS D 111 21.53 13.89 -22.22
N THR D 112 22.18 13.53 -21.11
CA THR D 112 21.75 13.93 -19.78
C THR D 112 22.78 14.87 -19.16
N VAL D 113 22.35 16.09 -18.86
CA VAL D 113 23.26 17.13 -18.38
C VAL D 113 22.71 17.90 -17.17
N ILE D 114 23.52 17.98 -16.12
CA ILE D 114 23.18 18.74 -14.91
C ILE D 114 24.05 20.00 -14.84
N ASN D 115 23.40 21.16 -14.85
CA ASN D 115 24.11 22.43 -14.87
C ASN D 115 24.57 22.91 -13.49
N LYS D 116 25.11 24.12 -13.45
CA LYS D 116 25.60 24.75 -12.22
C LYS D 116 24.47 24.97 -11.22
N GLU D 117 23.29 25.26 -11.74
CA GLU D 117 22.11 25.56 -10.92
C GLU D 117 21.56 24.31 -10.20
N GLY D 118 21.96 23.13 -10.68
CA GLY D 118 21.59 21.87 -10.03
C GLY D 118 20.53 21.08 -10.76
N GLN D 119 19.82 21.74 -11.68
CA GLN D 119 18.76 21.09 -12.44
C GLN D 119 19.28 20.23 -13.60
N MET D 120 18.71 19.03 -13.71
CA MET D 120 19.06 18.07 -14.75
C MET D 120 18.10 18.18 -15.93
N THR D 121 18.65 18.19 -17.13
CA THR D 121 17.83 18.21 -18.34
C THR D 121 18.22 17.10 -19.32
N ILE D 122 17.21 16.33 -19.74
CA ILE D 122 17.39 15.23 -20.68
C ILE D 122 16.74 15.57 -22.01
N ASP D 123 17.54 15.58 -23.07
CA ASP D 123 17.07 15.87 -24.41
C ASP D 123 17.48 14.80 -25.41
N ALA D 124 16.60 14.55 -26.37
CA ALA D 124 16.86 13.58 -27.43
C ALA D 124 16.03 13.93 -28.68
N PRO D 125 16.71 14.20 -29.81
CA PRO D 125 16.02 14.57 -31.04
C PRO D 125 15.35 13.37 -31.69
N LYS D 126 14.18 13.61 -32.30
CA LYS D 126 13.43 12.56 -32.98
C LYS D 126 14.08 12.16 -34.30
N THR D 127 13.85 10.92 -34.72
CA THR D 127 14.38 10.42 -35.98
C THR D 127 13.68 11.11 -37.15
N GLY D 128 14.47 11.84 -37.93
CA GLY D 128 13.95 12.56 -39.09
C GLY D 128 14.47 13.97 -39.22
N SER D 129 14.59 14.67 -38.09
CA SER D 129 15.00 16.07 -38.07
C SER D 129 16.46 16.24 -37.67
N ASN D 130 17.15 17.16 -38.35
CA ASN D 130 18.56 17.46 -38.10
C ASN D 130 18.74 18.56 -37.05
N THR D 131 19.30 18.17 -35.91
CA THR D 131 19.57 19.10 -34.82
C THR D 131 20.76 20.03 -35.15
N THR D 132 20.48 21.10 -35.89
CA THR D 132 21.50 22.04 -36.29
C THR D 132 21.09 23.48 -36.03
N VAL D 133 21.89 24.18 -35.24
CA VAL D 133 21.65 25.60 -34.95
C VAL D 133 22.16 26.42 -36.14
N ARG D 134 21.30 27.30 -36.65
CA ARG D 134 21.62 28.12 -37.82
C ARG D 134 21.26 29.58 -37.59
N ALA D 135 22.29 30.42 -37.48
CA ALA D 135 22.10 31.86 -37.26
C ALA D 135 21.73 32.55 -38.56
N LEU D 136 20.61 33.27 -38.54
CA LEU D 136 20.15 34.00 -39.71
C LEU D 136 20.66 35.44 -39.70
N PRO D 137 21.28 35.88 -40.81
CA PRO D 137 21.82 37.24 -40.90
C PRO D 137 20.71 38.28 -40.95
N ILE D 138 20.91 39.38 -40.23
CA ILE D 138 19.92 40.46 -40.13
C ILE D 138 20.26 41.60 -41.07
N HIS D 139 19.34 41.89 -41.99
CA HIS D 139 19.53 42.94 -42.98
C HIS D 139 18.64 44.14 -42.67
N THR D 140 19.14 45.34 -43.03
CA THR D 140 18.41 46.59 -42.84
C THR D 140 18.13 47.26 -44.18
N SER D 141 17.45 48.41 -44.15
CA SER D 141 17.15 49.16 -45.36
C SER D 141 18.37 49.93 -45.87
#